data_1R4E
#
_entry.id   1R4E
#
_cell.length_a   1.000
_cell.length_b   1.000
_cell.length_c   1.000
_cell.angle_alpha   90.00
_cell.angle_beta   90.00
_cell.angle_gamma   90.00
#
_symmetry.space_group_name_H-M   'P 1'
#
loop_
_entity.id
_entity.type
_entity.pdbx_description
1 polymer "5'-D(*CP*AP*CP*GP*CP*AP*GP*TP*TP*CP*GP*GP*AP*C)-3'"
2 polymer "5'-D(*GP*TP*CP*CP*GP*AP*TP*GP*CP*GP*TP*G)-3'"
3 non-polymer "SPIRO[NAPHTHALENE-2(3H),3'(10'H)-PENTALENO[1,2-B]NAPHTHALENE]-3,10'-DIONE, 2'-[(2-AMINO-2-DEOXY-B-D-GULOPYRANOSYL)OXY]-1,1',2',3'A,4,10'A-HEXAHYDRO-,(2'R,3'AS,10'AR)-(9CI)"
#
loop_
_entity_poly.entity_id
_entity_poly.type
_entity_poly.pdbx_seq_one_letter_code
_entity_poly.pdbx_strand_id
1 'polydeoxyribonucleotide' (DC)(DA)(DC)(DG)(DC)(DA)(DG)(DT)(DT)(DC)(DG)(DG)(DA)(DC) A
2 'polydeoxyribonucleotide' (DG)(DT)(DC)(DC)(DG)(DA)(DT)(DG)(DC)(DG)(DT)(DG) B
#
loop_
_chem_comp.id
_chem_comp.type
_chem_comp.name
_chem_comp.formula
DA DNA linking 2'-DEOXYADENOSINE-5'-MONOPHOSPHATE 'C10 H14 N5 O6 P'
DC DNA linking 2'-DEOXYCYTIDINE-5'-MONOPHOSPHATE 'C9 H14 N3 O7 P'
DDI non-polymer 'SPIRO[NAPHTHALENE-2(3H),3'(10'H)-PENTALENO[1,2-B]NAPHTHALENE]-3,10'-DIONE, 2'-[(2-AMINO-2-DEOXY-B-D-GULOPYRANOSYL)OXY]-1,1',2',3'A,4,10'A-HEXAHYDRO-,(2'R,3'AS,10'AR)-(9CI)' 'C31 H31 N O7'
DG DNA linking 2'-DEOXYGUANOSINE-5'-MONOPHOSPHATE 'C10 H14 N5 O7 P'
DT DNA linking THYMIDINE-5'-MONOPHOSPHATE 'C10 H15 N2 O8 P'
#
# COMPACT_ATOMS: atom_id res chain seq x y z
N DDI C . 3.69 2.29 1.27
C27 DDI C . 3.55 2.41 -0.20
C28 DDI C . 3.95 3.86 -0.67
O4 DDI C . 5.37 4.03 -0.54
C29 DDI C . 3.57 4.17 -2.15
O5 DDI C . 3.82 5.55 -2.39
C30 DDI C . 2.07 3.85 -2.39
C31 DDI C . 1.61 4.02 -3.85
O6 DDI C . 0.38 4.72 -3.94
O7 DDI C . 1.83 2.46 -2.03
C26 DDI C . 2.09 2.05 -0.64
O3 DDI C . 1.94 0.61 -0.55
C25 DDI C . 0.62 -0.01 -0.69
C24 DDI C . 0.44 -0.42 -2.14
C12 DDI C . -0.26 -1.78 -2.15
C11 DDI C . -0.39 -2.28 -0.67
C23 DDI C . -1.91 -2.49 -0.53
C22 DDI C . -2.63 -2.95 0.61
C21 DDI C . -4.03 -3.09 0.55
C20 DDI C . -4.76 -3.55 1.67
C19 DDI C . -6.16 -3.68 1.59
C18 DDI C . -6.84 -3.38 0.40
C17 DDI C . -6.15 -2.91 -0.73
C16 DDI C . -4.75 -2.76 -0.69
C15 DDI C . -4.04 -2.30 -1.81
C14 DDI C . -2.61 -2.18 -1.71
C13 DDI C . -1.68 -1.73 -2.76
O2 DDI C . -1.97 -1.38 -3.90
C9 DDI C . 0.43 -1.27 0.24
C10 DDI C . -0.20 -0.85 1.69
C1 DDI C . -1.30 0.06 1.81
C2 DDI C . -1.82 0.41 3.08
C3 DDI C . -1.25 -0.12 4.24
C4 DDI C . -0.19 -1.02 4.17
C5 DDI C . 0.35 -1.39 2.92
C6 DDI C . 1.52 -2.38 2.90
C7 DDI C . 2.55 -2.08 1.80
C8 DDI C . 1.89 -1.94 0.42
O1 DDI C . 2.52 -2.37 -0.55
HN1 DDI C . 2.84 2.17 1.84
HN2 DDI C . 4.62 2.34 1.68
H27 DDI C . 4.24 1.67 -0.66
H28 DDI C . 3.45 4.60 -0.02
HO4 DDI C . 5.67 3.32 0.05
H29 DDI C . 4.19 3.56 -2.83
HO5 DDI C . 4.29 5.58 -3.24
H30 DDI C . 1.43 4.50 -1.74
H31A DDI C . 1.47 3.02 -4.29
H31B DDI C . 2.39 4.53 -4.45
HO6 DDI C . 0.37 5.34 -3.20
H26 DDI C . 1.35 2.53 0.03
H25 DDI C . -0.18 0.74 -0.50
H24A DDI C . -0.17 0.34 -2.68
H24B DDI C . 1.41 -0.48 -2.67
H12 DDI C . 0.33 -2.50 -2.75
H11 DDI C . 0.06 -3.30 -0.59
H22 DDI C . -2.07 -3.19 1.51
H20 DDI C . -4.26 -3.80 2.59
H19 DDI C . -6.70 -4.03 2.44
H18 DDI C . -7.91 -3.49 0.36
H17 DDI C . -6.71 -2.68 -1.63
H15 DDI C . -4.53 -2.05 -2.74
H1 DDI C . -1.76 0.49 0.94
H2 DDI C . -2.65 1.10 3.14
H3 DDI C . -1.64 0.16 5.21
H4 DDI C . 0.23 -1.42 5.08
H6A DDI C . 1.07 -3.40 2.73
H6B DDI C . 2.03 -2.44 3.88
H7A DDI C . 3.29 -2.92 1.77
H7B DDI C . 3.12 -1.16 2.03
N DDI C . 3.60 2.31 1.37
C27 DDI C . 3.45 2.43 -0.10
C28 DDI C . 3.87 3.86 -0.57
O4 DDI C . 5.28 4.03 -0.46
C29 DDI C . 3.46 4.18 -2.05
O5 DDI C . 3.73 5.55 -2.31
C30 DDI C . 1.96 3.86 -2.28
C31 DDI C . 1.50 4.03 -3.73
O6 DDI C . 0.26 4.74 -3.81
O7 DDI C . 1.72 2.47 -1.91
C26 DDI C . 1.99 2.06 -0.52
O3 DDI C . 1.84 0.62 -0.43
C25 DDI C . 0.53 0.01 -0.57
C24 DDI C . 0.33 -0.38 -2.03
C12 DDI C . -0.37 -1.75 -2.05
C11 DDI C . -0.49 -2.27 -0.58
C23 DDI C . -2.01 -2.49 -0.44
C22 DDI C . -2.72 -2.97 0.69
C21 DDI C . -4.12 -3.11 0.63
C20 DDI C . -4.85 -3.59 1.74
C19 DDI C . -6.24 -3.73 1.66
C18 DDI C . -6.94 -3.40 0.47
C17 DDI C . -6.24 -2.92 -0.65
C16 DDI C . -4.84 -2.77 -0.61
C15 DDI C . -4.13 -2.29 -1.73
C14 DDI C . -2.70 -2.17 -1.62
C13 DDI C . -1.77 -1.70 -2.67
O2 DDI C . -2.07 -1.33 -3.81
C9 DDI C . 0.33 -1.26 0.34
C10 DDI C . -0.29 -0.87 1.80
C1 DDI C . -1.40 0.04 1.93
C2 DDI C . -1.92 0.38 3.19
C3 DDI C . -1.35 -0.18 4.36
C4 DDI C . -0.28 -1.07 4.27
C5 DDI C . 0.24 -1.42 3.01
C6 DDI C . 1.42 -2.41 2.99
C7 DDI C . 2.46 -2.10 1.89
C8 DDI C . 1.79 -1.93 0.51
O1 DDI C . 2.42 -2.35 -0.47
HN1 DDI C . 4.42 1.82 1.75
HN2 DDI C . 2.89 2.73 1.97
H27 DDI C . 4.13 1.68 -0.56
H28 DDI C . 3.38 4.62 0.08
HO4 DDI C . 5.57 3.38 0.20
H29 DDI C . 4.07 3.56 -2.73
HO5 DDI C . 2.96 6.03 -1.98
H30 DDI C . 1.34 4.52 -1.63
H31A DDI C . 1.34 3.03 -4.17
H31B DDI C . 2.26 4.53 -4.35
HO6 DDI C . 0.49 5.67 -3.67
H26 DDI C . 1.27 2.56 0.15
H25 DDI C . -0.28 0.76 -0.37
H24A DDI C . -0.28 0.38 -2.56
H24B DDI C . 1.30 -0.43 -2.57
H12 DDI C . 0.24 -2.45 -2.66
H11 DDI C . -0.04 -3.29 -0.52
H22 DDI C . -2.16 -3.20 1.58
H20 DDI C . -4.35 -3.85 2.66
H19 DDI C . -6.80 -4.10 2.50
H18 DDI C . -8.00 -3.52 0.43
H17 DDI C . -6.80 -2.68 -1.54
H15 DDI C . -4.63 -2.03 -2.64
H1 DDI C . -1.86 0.48 1.06
H2 DDI C . -2.75 1.07 3.26
H3 DDI C . -1.74 0.10 5.32
H4 DDI C . 0.14 -1.46 5.18
H6A DDI C . 0.98 -3.42 2.81
H6B DDI C . 1.93 -2.47 3.97
H7A DDI C . 3.20 -2.92 1.84
H7B DDI C . 3.02 -1.17 2.13
N DDI C . 3.54 2.29 1.47
C27 DDI C . 3.37 2.35 0.00
C28 DDI C . 3.76 3.78 -0.53
O4 DDI C . 5.16 3.97 -0.44
C29 DDI C . 3.33 4.03 -2.01
O5 DDI C . 3.56 5.41 -2.31
C30 DDI C . 1.83 3.68 -2.20
C31 DDI C . 1.34 3.79 -3.66
O6 DDI C . 0.09 4.46 -3.75
O7 DDI C . 1.62 2.30 -1.79
C26 DDI C . 1.91 1.93 -0.40
O3 DDI C . 1.80 0.51 -0.26
C25 DDI C . 0.49 -0.14 -0.38
C24 DDI C . 0.32 -0.59 -1.82
C12 DDI C . -0.34 -1.97 -1.81
C11 DDI C . -0.46 -2.45 -0.31
C23 DDI C . -1.99 -2.70 -0.18
C22 DDI C . -2.69 -3.15 0.95
C21 DDI C . -4.08 -3.33 0.89
C20 DDI C . -4.82 -3.78 2.01
C19 DDI C . -6.21 -3.96 1.91
C18 DDI C . -6.90 -3.69 0.71
C17 DDI C . -6.20 -3.24 -0.42
C16 DDI C . -4.80 -3.04 -0.37
C15 DDI C . -4.09 -2.60 -1.49
C14 DDI C . -2.67 -2.43 -1.38
C13 DDI C . -1.74 -1.98 -2.44
O2 DDI C . -2.04 -1.66 -3.59
C9 DDI C . 0.33 -1.39 0.58
C10 DDI C . -0.32 -0.96 2.02
C1 DDI C . -1.44 -0.08 2.11
C2 DDI C . -1.98 0.29 3.36
C3 DDI C . -1.41 -0.20 4.54
C4 DDI C . -0.31 -1.08 4.49
C5 DDI C . 0.23 -1.46 3.25
C6 DDI C . 1.44 -2.42 3.26
C7 DDI C . 2.47 -2.11 2.16
C8 DDI C . 1.80 -2.02 0.78
O1 DDI C . 2.45 -2.45 -0.19
HN1 DDI C . 4.26 1.68 1.87
HN2 DDI C . 2.93 2.86 2.06
H27 DDI C . 4.07 1.61 -0.44
H28 DDI C . 3.25 4.55 0.11
HO4 DDI C . 5.30 4.58 0.30
H29 DDI C . 3.95 3.41 -2.67
HO5 DDI C . 2.96 5.91 -1.76
H30 DDI C . 1.20 4.34 -1.58
H31A DDI C . 1.21 2.77 -4.06
H31B DDI C . 2.10 4.29 -4.31
HO6 DDI C . -0.03 4.68 -4.68
H26 DDI C . 1.18 2.44 0.27
H25 DDI C . -0.32 0.60 -0.21
H24A DDI C . -0.31 0.14 -2.38
H24B DDI C . 1.29 -0.63 -2.34
H12 DDI C . 0.29 -2.68 -2.39
H11 DDI C . 0.01 -3.45 -0.22
H22 DDI C . -2.14 -3.34 1.86
H20 DDI C . -4.33 -4.01 2.94
H19 DDI C . -6.76 -4.31 2.77
H18 DDI C . -7.96 -3.84 0.66
H17 DDI C . -6.76 -3.04 -1.33
H15 DDI C . -4.58 -2.37 -2.42
H1 DDI C . -1.91 0.33 1.22
H2 DDI C . -2.83 0.95 3.41
H3 DDI C . -1.79 0.09 5.50
H4 DDI C . 0.12 -1.43 5.41
H6A DDI C . 1.02 -3.44 3.10
H6B DDI C . 1.94 -2.43 4.25
H7A DDI C . 3.23 -2.92 2.14
H7B DDI C . 3.00 -1.17 2.36
N DDI C . 3.93 2.42 1.17
C27 DDI C . 3.82 2.50 -0.31
C28 DDI C . 4.25 3.94 -0.79
O4 DDI C . 5.66 4.09 -0.64
C29 DDI C . 3.90 4.22 -2.28
O5 DDI C . 4.17 5.60 -2.56
C30 DDI C . 2.40 3.91 -2.55
C31 DDI C . 1.98 4.05 -4.02
O6 DDI C . 0.75 4.76 -4.15
O7 DDI C . 2.14 2.53 -2.17
C26 DDI C . 2.36 2.14 -0.77
O3 DDI C . 2.21 0.70 -0.65
C25 DDI C . 0.88 0.11 -0.80
C24 DDI C . 0.72 -0.35 -2.25
C12 DDI C . 0.00 -1.70 -2.23
C11 DDI C . -0.16 -2.16 -0.74
C23 DDI C . -1.70 -2.34 -0.63
C22 DDI C . -2.43 -2.75 0.50
C21 DDI C . -3.84 -2.87 0.43
C20 DDI C . -4.59 -3.29 1.53
C19 DDI C . -6.00 -3.40 1.42
C18 DDI C . -6.66 -3.10 0.22
C17 DDI C . -5.93 -2.69 -0.90
C16 DDI C . -4.53 -2.56 -0.85
C15 DDI C . -3.78 -2.14 -1.96
C14 DDI C . -2.36 -2.04 -1.84
C13 DDI C . -1.40 -1.64 -2.87
O2 DDI C . -1.66 -1.31 -4.03
C9 DDI C . 0.66 -1.13 0.16
C10 DDI C . 0.00 -0.67 1.59
C1 DDI C . -1.08 0.26 1.67
C2 DDI C . -1.62 0.64 2.91
C3 DDI C . -1.09 0.12 4.10
C4 DDI C . -0.02 -0.79 4.06
C5 DDI C . 0.52 -1.19 2.84
C6 DDI C . 1.68 -2.21 2.87
C7 DDI C . 2.74 -1.94 1.78
C8 DDI C . 2.10 -1.83 0.38
O1 DDI C . 2.74 -2.28 -0.57
HN1 DDI C . 4.73 1.92 1.58
HN2 DDI C . 3.20 2.85 1.75
H27 DDI C . 4.51 1.74 -0.73
H28 DDI C . 3.74 4.70 -0.16
HO4 DDI C . 6.06 3.55 -1.31
H29 DDI C . 4.52 3.59 -2.94
HO5 DDI C . 3.47 6.10 -2.13
H30 DDI C . 1.75 4.58 -1.93
H31A DDI C . 1.83 3.04 -4.45
H31B DDI C . 2.77 4.54 -4.62
HO6 DDI C . 0.60 5.18 -3.30
H26 DDI C . 1.63 2.66 -0.12
H25 DDI C . 0.09 0.87 -0.65
H24A DDI C . 0.15 0.41 -2.82
H24B DDI C . 1.70 -0.44 -2.74
H12 DDI C . 0.60 -2.43 -2.80
H11 DDI C . 0.26 -3.18 -0.63
H22 DDI C . -1.91 -2.98 1.41
H20 DDI C . -4.13 -3.52 2.47
H19 DDI C . -6.57 -3.72 2.28
H18 DDI C . -7.72 -3.20 0.16
H17 DDI C . -6.47 -2.46 -1.82
H15 DDI C . -4.26 -1.90 -2.91
H1 DDI C . -1.53 0.68 0.78
H2 DDI C . -2.44 1.34 2.95
H3 DDI C . -1.48 0.44 5.05
H4 DDI C . 0.37 -1.16 5.00
H6A DDI C . 1.22 -3.22 2.70
H6B DDI C . 2.17 -2.24 3.85
H7A DDI C . 3.47 -2.78 1.77
H7B DDI C . 3.31 -1.02 2.00
N DDI C . 3.52 2.31 1.54
C27 DDI C . 3.36 2.36 0.07
C28 DDI C . 3.74 3.80 -0.44
O4 DDI C . 5.15 4.00 -0.36
C29 DDI C . 3.33 4.07 -1.92
O5 DDI C . 3.55 5.45 -2.22
C30 DDI C . 1.82 3.71 -2.13
C31 DDI C . 1.34 3.84 -3.59
O6 DDI C . 0.09 4.51 -3.68
O7 DDI C . 1.62 2.33 -1.73
C26 DDI C . 1.91 1.96 -0.33
O3 DDI C . 1.79 0.52 -0.21
C25 DDI C . 0.48 -0.12 -0.33
C24 DDI C . 0.32 -0.55 -1.79
C12 DDI C . -0.34 -1.94 -1.78
C11 DDI C . -0.47 -2.43 -0.29
C23 DDI C . -1.99 -2.67 -0.17
C22 DDI C . -2.70 -3.14 0.96
C21 DDI C . -4.10 -3.32 0.90
C20 DDI C . -4.83 -3.78 2.01
C19 DDI C . -6.22 -3.95 1.91
C18 DDI C . -6.91 -3.67 0.72
C17 DDI C . -6.21 -3.20 -0.42
C16 DDI C . -4.81 -3.02 -0.36
C15 DDI C . -4.10 -2.56 -1.48
C14 DDI C . -2.68 -2.40 -1.36
C13 DDI C . -1.75 -1.94 -2.41
O2 DDI C . -2.04 -1.60 -3.56
C9 DDI C . 0.32 -1.37 0.61
C10 DDI C . -0.33 -0.96 2.05
C1 DDI C . -1.46 -0.08 2.15
C2 DDI C . -2.00 0.28 3.40
C3 DDI C . -1.43 -0.23 4.58
C4 DDI C . -0.33 -1.10 4.52
C5 DDI C . 0.22 -1.47 3.29
C6 DDI C . 1.42 -2.42 3.29
C7 DDI C . 2.46 -2.11 2.19
C8 DDI C . 1.79 -2.01 0.80
O1 DDI C . 2.43 -2.43 -0.16
HN1 DDI C . 4.42 2.00 1.93
HN2 DDI C . 2.73 2.57 2.13
H27 DDI C . 4.06 1.63 -0.38
H28 DDI C . 3.25 4.57 0.19
HO4 DDI C . 5.34 4.10 0.58
H29 DDI C . 3.94 3.45 -2.60
HO5 DDI C . 2.89 5.93 -1.73
H30 DDI C . 1.19 4.37 -1.51
H31A DDI C . 1.21 2.82 -4.01
H31B DDI C . 2.09 4.34 -4.22
HO6 DDI C . -0.05 4.91 -2.82
H26 DDI C . 1.17 2.45 0.33
H25 DDI C . -0.33 0.61 -0.17
H24A DDI C . -0.30 0.18 -2.34
H24B DDI C . 1.29 -0.59 -2.31
H12 DDI C . 0.28 -2.65 -2.37
H11 DDI C . 0.00 -3.42 -0.20
H22 DDI C . -2.15 -3.34 1.87
H20 DDI C . -4.35 -4.01 2.94
H19 DDI C . -6.78 -4.30 2.76
H18 DDI C . -7.97 -3.81 0.67
H17 DDI C . -6.77 -2.99 -1.33
H15 DDI C . -4.60 -2.32 -2.41
H1 DDI C . -1.92 0.33 1.26
H2 DDI C . -2.85 0.94 3.46
H3 DDI C . -1.82 0.05 5.54
H4 DDI C . 0.10 -1.46 5.44
H6A DDI C . 1.00 -3.45 3.13
H6B DDI C . 1.93 -2.46 4.27
H7A DDI C . 3.21 -2.92 2.16
H7B DDI C . 2.98 -1.17 2.41
N DDI C . 3.83 2.32 1.31
C27 DDI C . 3.71 2.42 -0.16
C28 DDI C . 4.11 3.86 -0.63
O4 DDI C . 5.53 4.03 -0.49
C29 DDI C . 3.75 4.17 -2.11
O5 DDI C . 4.00 5.54 -2.38
C30 DDI C . 2.25 3.84 -2.38
C31 DDI C . 1.82 4.00 -3.85
O6 DDI C . 0.59 4.69 -3.96
O7 DDI C . 2.01 2.45 -2.02
C26 DDI C . 2.25 2.05 -0.61
O3 DDI C . 2.10 0.62 -0.52
C25 DDI C . 0.79 0.00 -0.66
C24 DDI C . 0.62 -0.43 -2.12
C12 DDI C . -0.09 -1.80 -2.12
C11 DDI C . -0.23 -2.28 -0.63
C23 DDI C . -1.76 -2.48 -0.51
C22 DDI C . -2.48 -2.92 0.62
C21 DDI C . -3.89 -3.05 0.55
C20 DDI C . -4.63 -3.49 1.66
C19 DDI C . -6.03 -3.62 1.57
C18 DDI C . -6.71 -3.32 0.37
C17 DDI C . -5.99 -2.88 -0.76
C16 DDI C . -4.59 -2.74 -0.70
C15 DDI C . -3.86 -2.30 -1.82
C14 DDI C . -2.43 -2.18 -1.70
C13 DDI C . -1.48 -1.75 -2.75
O2 DDI C . -1.76 -1.41 -3.90
C9 DDI C . 0.58 -1.25 0.27
C10 DDI C . -0.06 -0.82 1.72
C1 DDI C . -1.17 0.10 1.81
C2 DDI C . -1.70 0.47 3.06
C3 DDI C . -1.15 -0.06 4.25
C4 DDI C . -0.09 -0.96 4.19
C5 DDI C . 0.46 -1.34 2.95
C6 DDI C . 1.63 -2.34 2.96
C7 DDI C . 2.69 -2.05 1.87
C8 DDI C . 2.03 -1.93 0.48
O1 DDI C . 2.68 -2.37 -0.48
HN1 DDI C . 4.60 1.78 1.71
HN2 DDI C . 3.13 2.78 1.90
H27 DDI C . 4.40 1.68 -0.61
H28 DDI C . 3.61 4.61 0.01
HO4 DDI C . 5.68 4.21 0.44
H29 DDI C . 4.38 3.55 -2.78
HO5 DDI C . 3.53 6.04 -1.70
H30 DDI C . 1.61 4.50 -1.76
H31A DDI C . 1.69 3.00 -4.29
H31B DDI C . 2.59 4.51 -4.44
HO6 DDI C . 0.58 5.35 -3.26
H26 DDI C . 1.51 2.54 0.03
H25 DDI C . -0.01 0.75 -0.50
H24A DDI C . 0.03 0.32 -2.69
H24B DDI C . 1.60 -0.51 -2.62
H12 DDI C . 0.52 -2.52 -2.69
H11 DDI C . 0.20 -3.29 -0.53
H22 DDI C . -1.95 -3.14 1.53
H20 DDI C . -4.15 -3.74 2.60
H19 DDI C . -6.59 -3.96 2.41
H18 DDI C . -7.77 -3.43 0.32
H17 DDI C . -6.54 -2.66 -1.66
H15 DDI C . -4.35 -2.04 -2.76
H1 DDI C . -1.61 0.52 0.93
H2 DDI C . -2.53 1.16 3.11
H3 DDI C . -1.54 0.24 5.20
H4 DDI C . 0.33 -1.33 5.11
H6A DDI C . 1.19 -3.35 2.79
H6B DDI C . 2.13 -2.39 3.94
H7A DDI C . 3.42 -2.89 1.86
H7B DDI C . 3.25 -1.13 2.10
N DDI C . 3.90 2.44 1.36
C27 DDI C . 3.81 2.51 -0.12
C28 DDI C . 4.25 3.94 -0.61
O4 DDI C . 5.65 4.10 -0.43
C29 DDI C . 3.92 4.20 -2.11
O5 DDI C . 4.19 5.57 -2.40
C30 DDI C . 2.42 3.88 -2.40
C31 DDI C . 2.03 4.00 -3.88
O6 DDI C . 0.80 4.69 -4.04
O7 DDI C . 2.17 2.51 -2.00
C26 DDI C . 2.37 2.13 -0.59
O3 DDI C . 2.21 0.70 -0.46
C25 DDI C . 0.89 0.09 -0.62
C24 DDI C . 0.76 -0.38 -2.07
C12 DDI C . 0.05 -1.73 -2.04
C11 DDI C . -0.14 -2.18 -0.55
C23 DDI C . -1.67 -2.36 -0.45
C22 DDI C . -2.43 -2.76 0.67
C21 DDI C . -3.83 -2.89 0.57
C20 DDI C . -4.61 -3.29 1.67
C19 DDI C . -6.00 -3.42 1.54
C18 DDI C . -6.64 -3.14 0.32
C17 DDI C . -5.91 -2.73 -0.80
C16 DDI C . -4.51 -2.60 -0.72
C15 DDI C . -3.73 -2.20 -1.82
C14 DDI C . -2.32 -2.08 -1.68
C13 DDI C . -1.35 -1.69 -2.71
O2 DDI C . -1.59 -1.39 -3.87
C9 DDI C . 0.65 -1.12 0.35
C10 DDI C . -0.01 -0.65 1.76
C1 DDI C . -1.11 0.27 1.81
C2 DDI C . -1.67 0.68 3.04
C3 DDI C . -1.16 0.18 4.25
C4 DDI C . -0.09 -0.73 4.24
C5 DDI C . 0.48 -1.15 3.03
C6 DDI C . 1.64 -2.15 3.10
C7 DDI C . 2.72 -1.91 2.02
C8 DDI C . 2.10 -1.82 0.61
O1 DDI C . 2.76 -2.28 -0.32
HN1 DDI C . 3.03 2.39 1.91
HN2 DDI C . 4.82 2.46 1.81
H27 DDI C . 4.51 1.75 -0.52
H28 DDI C . 3.73 4.71 -0.01
HO4 DDI C . 5.86 3.73 0.43
H29 DDI C . 4.56 3.56 -2.74
HO5 DDI C . 3.33 6.01 -2.42
H30 DDI C . 1.78 4.56 -1.81
H31A DDI C . 1.89 2.98 -4.30
H31B DDI C . 2.82 4.48 -4.48
HO6 DDI C . 0.88 5.50 -3.52
H26 DDI C . 1.61 2.65 0.03
H25 DDI C . 0.09 0.85 -0.49
H24A DDI C . 0.19 0.36 -2.66
H24B DDI C . 1.75 -0.47 -2.54
H12 DDI C . 0.66 -2.48 -2.59
H11 DDI C . 0.29 -3.19 -0.41
H22 DDI C . -1.92 -2.97 1.60
H20 DDI C . -4.16 -3.51 2.63
H19 DDI C . -6.59 -3.72 2.39
H18 DDI C . -7.72 -3.25 0.25
H17 DDI C . -6.43 -2.53 -1.73
H15 DDI C . -4.20 -1.98 -2.78
H1 DDI C . -1.54 0.68 0.91
H2 DDI C . -2.51 1.37 3.05
H3 DDI C . -1.57 0.50 5.19
H4 DDI C . 0.29 -1.08 5.19
H6A DDI C . 1.19 -3.17 2.94
H6B DDI C . 2.11 -2.17 4.09
H7A DDI C . 3.45 -2.74 2.04
H7B DDI C . 3.28 -0.98 2.23
N DDI C . 3.52 2.28 1.49
C27 DDI C . 3.35 2.34 0.02
C28 DDI C . 3.73 3.78 -0.50
O4 DDI C . 5.13 3.98 -0.40
C29 DDI C . 3.31 4.04 -1.98
O5 DDI C . 3.53 5.41 -2.28
C30 DDI C . 1.81 3.67 -2.18
C31 DDI C . 1.32 3.79 -3.64
O6 DDI C . 0.07 4.46 -3.73
O7 DDI C . 1.61 2.29 -1.78
C26 DDI C . 1.90 1.92 -0.38
O3 DDI C . 1.79 0.49 -0.24
C25 DDI C . 0.49 -0.16 -0.36
C24 DDI C . 0.32 -0.60 -1.82
C12 DDI C . -0.34 -1.98 -1.81
C11 DDI C . -0.46 -2.47 -0.32
C23 DDI C . -1.98 -2.72 -0.19
C22 DDI C . -2.68 -3.18 0.95
C21 DDI C . -4.09 -3.36 0.89
C20 DDI C . -4.81 -3.82 2.01
C19 DDI C . -6.20 -4.00 1.92
C18 DDI C . -6.90 -3.72 0.72
C17 DDI C . -6.21 -3.26 -0.41
C16 DDI C . -4.81 -3.07 -0.36
C15 DDI C . -4.09 -2.61 -1.48
C14 DDI C . -2.67 -2.44 -1.38
C13 DDI C . -1.75 -1.98 -2.43
O2 DDI C . -2.04 -1.66 -3.58
C9 DDI C . 0.33 -1.41 0.58
C10 DDI C . -0.32 -0.99 2.02
C1 DDI C . -1.45 -0.12 2.12
C2 DDI C . -1.98 0.25 3.38
C3 DDI C . -1.40 -0.26 4.56
C4 DDI C . -0.31 -1.12 4.50
C5 DDI C . 0.24 -1.50 3.26
C6 DDI C . 1.44 -2.45 3.25
C7 DDI C . 2.47 -2.14 2.15
C8 DDI C . 1.80 -2.04 0.77
O1 DDI C . 2.44 -2.47 -0.20
HN1 DDI C . 4.29 1.73 1.89
HN2 DDI C . 2.85 2.79 2.09
H27 DDI C . 4.05 1.60 -0.42
H28 DDI C . 3.23 4.54 0.14
HO4 DDI C . 5.25 4.80 0.06
H29 DDI C . 3.93 3.41 -2.64
HO5 DDI C . 2.87 5.65 -2.94
H30 DDI C . 1.17 4.33 -1.55
H31A DDI C . 1.20 2.77 -4.05
H31B DDI C . 2.07 4.30 -4.28
HO6 DDI C . -0.07 4.86 -2.87
H26 DDI C . 1.16 2.42 0.29
H25 DDI C . -0.33 0.57 -0.19
H24A DDI C . -0.31 0.14 -2.37
H24B DDI C . 1.29 -0.64 -2.34
H12 DDI C . 0.28 -2.69 -2.39
H11 DDI C . 0.00 -3.47 -0.23
H22 DDI C . -2.14 -3.38 1.86
H20 DDI C . -4.32 -4.04 2.94
H19 DDI C . -6.76 -4.35 2.77
H18 DDI C . -7.97 -3.87 0.67
H17 DDI C . -6.77 -3.06 -1.32
H15 DDI C . -4.59 -2.38 -2.42
H1 DDI C . -1.92 0.29 1.25
H2 DDI C . -2.83 0.90 3.43
H3 DDI C . -1.79 0.03 5.52
H4 DDI C . 0.13 -1.49 5.42
H6A DDI C . 1.02 -3.48 3.10
H6B DDI C . 1.95 -2.47 4.24
H7A DDI C . 3.24 -2.95 2.13
H7B DDI C . 3.00 -1.20 2.37
N DDI C . 3.66 2.43 1.29
C27 DDI C . 3.55 2.51 -0.19
C28 DDI C . 3.99 3.94 -0.68
O4 DDI C . 5.40 4.10 -0.51
C29 DDI C . 3.64 4.23 -2.16
O5 DDI C . 3.91 5.59 -2.45
C30 DDI C . 2.14 3.92 -2.44
C31 DDI C . 1.72 4.06 -3.91
O6 DDI C . 0.50 4.76 -4.05
O7 DDI C . 1.88 2.53 -2.06
C26 DDI C . 2.11 2.15 -0.65
O3 DDI C . 1.93 0.71 -0.53
C25 DDI C . 0.61 0.11 -0.69
C24 DDI C . 0.47 -0.34 -2.14
C12 DDI C . -0.25 -1.70 -2.13
C11 DDI C . -0.42 -2.16 -0.64
C23 DDI C . -1.95 -2.35 -0.54
C22 DDI C . -2.70 -2.77 0.58
C21 DDI C . -4.10 -2.90 0.49
C20 DDI C . -4.87 -3.32 1.59
C19 DDI C . -6.26 -3.45 1.48
C18 DDI C . -6.92 -3.15 0.27
C17 DDI C . -6.18 -2.73 -0.86
C16 DDI C . -4.78 -2.59 -0.78
C15 DDI C . -4.02 -2.17 -1.89
C14 DDI C . -2.60 -2.06 -1.75
C13 DDI C . -1.64 -1.64 -2.79
O2 DDI C . -1.89 -1.32 -3.94
C9 DDI C . 0.39 -1.13 0.26
C10 DDI C . -0.27 -0.67 1.69
C1 DDI C . -1.37 0.25 1.76
C2 DDI C . -1.92 0.64 3.00
C3 DDI C . -1.39 0.12 4.19
C4 DDI C . -0.33 -0.79 4.16
C5 DDI C . 0.23 -1.19 2.94
C6 DDI C . 1.39 -2.20 2.97
C7 DDI C . 2.47 -1.93 1.90
C8 DDI C . 1.83 -1.82 0.49
O1 DDI C . 2.49 -2.27 -0.45
HN1 DDI C . 4.47 1.97 1.71
HN2 DDI C . 2.91 2.83 1.86
H27 DDI C . 4.24 1.75 -0.61
H28 DDI C . 3.47 4.70 -0.06
HO4 DDI C . 5.80 3.56 -1.19
H29 DDI C . 4.27 3.59 -2.82
HO5 DDI C . 3.35 6.10 -1.86
H30 DDI C . 1.50 4.59 -1.83
H31A DDI C . 1.57 3.04 -4.34
H31B DDI C . 2.51 4.54 -4.52
HO6 DDI C . 0.63 5.60 -3.62
H26 DDI C . 1.35 2.66 -0.02
H25 DDI C . -0.17 0.87 -0.54
H24A DDI C . -0.11 0.42 -2.72
H24B DDI C . 1.45 -0.42 -2.64
H12 DDI C . 0.36 -2.42 -2.70
H11 DDI C . 0.01 -3.18 -0.53
H22 DDI C . -2.17 -2.99 1.50
H20 DDI C . -4.40 -3.56 2.54
H19 DDI C . -6.84 -3.77 2.32
H18 DDI C . -7.98 -3.26 0.20
H17 DDI C . -6.72 -2.51 -1.78
H15 DDI C . -4.50 -1.93 -2.84
H1 DDI C . -1.80 0.68 0.86
H2 DDI C . -2.74 1.34 3.03
H3 DDI C . -1.79 0.43 5.14
H4 DDI C . 0.06 -1.16 5.09
H6A DDI C . 0.95 -3.21 2.81
H6B DDI C . 1.87 -2.24 3.97
H7A DDI C . 3.20 -2.76 1.90
H7B DDI C . 3.02 -1.00 2.12
N DDI C . 3.65 2.32 1.29
C27 DDI C . 3.51 2.42 -0.17
C28 DDI C . 3.92 3.86 -0.65
O4 DDI C . 5.33 4.03 -0.52
C29 DDI C . 3.53 4.17 -2.13
O5 DDI C . 3.78 5.54 -2.39
C30 DDI C . 2.03 3.84 -2.37
C31 DDI C . 1.58 4.00 -3.83
O6 DDI C . 0.35 4.70 -3.92
O7 DDI C . 1.79 2.45 -2.00
C26 DDI C . 2.05 2.05 -0.61
O3 DDI C . 1.90 0.61 -0.52
C25 DDI C . 0.59 0.00 -0.65
C24 DDI C . 0.42 -0.42 -2.11
C12 DDI C . -0.29 -1.79 -2.12
C11 DDI C . -0.41 -2.29 -0.64
C23 DDI C . -1.95 -2.50 -0.51
C22 DDI C . -2.65 -2.96 0.62
C21 DDI C . -4.06 -3.10 0.56
C20 DDI C . -4.79 -3.56 1.67
C19 DDI C . -6.19 -3.71 1.57
C18 DDI C . -6.87 -3.40 0.40
C17 DDI C . -6.17 -2.93 -0.73
C16 DDI C . -4.77 -2.78 -0.69
C15 DDI C . -4.05 -2.32 -1.80
C14 DDI C . -2.62 -2.19 -1.69
C13 DDI C . -1.69 -1.74 -2.74
O2 DDI C . -1.98 -1.38 -3.88
C9 DDI C . 0.39 -1.27 0.28
C10 DDI C . -0.24 -0.85 1.72
C1 DDI C . -1.35 0.05 1.84
C2 DDI C . -1.88 0.41 3.09
C3 DDI C . -1.32 -0.13 4.26
C4 DDI C . -0.25 -1.02 4.20
C5 DDI C . 0.29 -1.38 2.96
C6 DDI C . 1.47 -2.38 2.94
C7 DDI C . 2.51 -2.08 1.85
C8 DDI C . 1.85 -1.94 0.46
O1 DDI C . 2.49 -2.37 -0.51
HN1 DDI C . 2.82 2.09 1.86
HN2 DDI C . 4.56 2.48 1.72
H27 DDI C . 4.20 1.68 -0.62
H28 DDI C . 3.42 4.61 -0.01
HO4 DDI C . 5.60 3.48 0.22
H29 DDI C . 4.15 3.55 -2.80
HO5 DDI C . 3.16 6.03 -1.86
H30 DDI C . 1.40 4.50 -1.73
H31A DDI C . 1.43 2.99 -4.27
H31B DDI C . 2.34 4.50 -4.44
HO6 DDI C . 0.55 5.55 -4.31
H26 DDI C . 1.31 2.54 0.06
H25 DDI C . -0.22 0.75 -0.47
H24A DDI C . -0.18 0.34 -2.66
H24B DDI C . 1.39 -0.47 -2.63
H12 DDI C . 0.32 -2.50 -2.71
H11 DDI C . 0.03 -3.30 -0.57
H22 DDI C . -2.11 -3.19 1.52
H20 DDI C . -4.31 -3.82 2.60
H19 DDI C . -6.75 -4.06 2.43
H18 DDI C . -7.94 -3.52 0.34
H17 DDI C . -6.73 -2.70 -1.64
H15 DDI C . -4.54 -2.06 -2.73
H1 DDI C . -1.80 0.49 0.96
H2 DDI C . -2.72 1.09 3.15
H3 DDI C . -1.72 0.16 5.23
H4 DDI C . 0.17 -1.41 5.11
H6A DDI C . 1.02 -3.39 2.76
H6B DDI C . 1.97 -2.43 3.92
H7A DDI C . 3.25 -2.90 1.82
H7B DDI C . 3.07 -1.16 2.08
#